data_4HTV
#
_entry.id   4HTV
#
_cell.length_a   78.200
_cell.length_b   89.900
_cell.length_c   99.160
_cell.angle_alpha   90.00
_cell.angle_beta   90.00
_cell.angle_gamma   90.00
#
_symmetry.space_group_name_H-M   'P 21 21 21'
#
loop_
_entity.id
_entity.type
_entity.pdbx_description
1 polymer 'Importin subunit alpha-2'
2 polymer 'capsid protein'
#
loop_
_entity_poly.entity_id
_entity_poly.type
_entity_poly.pdbx_seq_one_letter_code
_entity_poly.pdbx_strand_id
1 'polypeptide(L)'
;MHHHHHHSSGLVPRGSGMLETAAALFERNHMDSPDLGTDDDDLAMADIGSNQGTVNWSVEDIVKGINSNNLESQLQATQA
ARKLLSREKQPPIDNIIRAGLIPKFVSFLGKTDCSPIQFESAWALTNIASGTSEQTKAVVDGGAIPAFISLLASPHAHIS
EQAVWALGNIAGDGSAFRDLVIKHGAIDPLLALLAVPDLSTLACGYLRNLTWTLSNLCRNKNPAPPLDAVEQILPTLVRL
LHHNDPEVLADSCWAISYLTDGPNERIEMVVKKGVVPQLVKLLGATELPIVTPALRAIGNIVTGTDEQTQKVIDAGALAV
FPSLLTNPKTNIQKEATWTMSNITAGRQDQIQQVVNHGLVPFLVGVLSKADFKTQKEAAWAITNYTSGGTVEQIVYLVHC
GIIEPLMNLLSAKDTKIIQVILDAISNIFQAAEKLGETEKLSIMIEECGGLDKIEALQRHENESVYKASLNLIEKYFSVE
EEEDQNVVPETTSEGFAFQVQDGAPGTFN
;
A
2 'polypeptide(L)' RRRRYARPYYRRRHNRRYRRRRRYFRRRR B
#
# COMPACT_ATOMS: atom_id res chain seq x y z
N GLN A 52 3.74 -4.20 42.55
CA GLN A 52 4.87 -3.71 41.70
C GLN A 52 5.01 -2.17 41.70
N GLY A 53 5.94 -1.68 42.53
CA GLY A 53 6.30 -0.27 42.59
C GLY A 53 7.59 0.07 41.84
N THR A 54 7.63 -0.29 40.55
CA THR A 54 8.43 0.41 39.50
C THR A 54 7.45 1.29 38.66
N VAL A 55 6.28 1.57 39.25
CA VAL A 55 5.21 2.43 38.66
C VAL A 55 5.56 3.95 38.82
N ASN A 56 5.45 4.74 37.75
CA ASN A 56 5.33 6.19 37.89
C ASN A 56 6.57 6.89 38.44
N TRP A 57 7.78 6.41 38.14
CA TRP A 57 8.98 7.06 38.68
C TRP A 57 9.17 8.36 37.97
N SER A 58 9.82 9.30 38.64
CA SER A 58 10.26 10.51 37.99
C SER A 58 11.53 10.24 37.17
N VAL A 59 11.78 11.05 36.16
CA VAL A 59 12.95 10.79 35.33
C VAL A 59 14.22 10.83 36.17
N GLU A 60 14.32 11.78 37.07
CA GLU A 60 15.58 11.99 37.78
C GLU A 60 15.85 10.78 38.62
N ASP A 61 14.78 10.16 39.13
CA ASP A 61 14.86 8.84 39.79
C ASP A 61 15.43 7.75 38.86
N ILE A 62 14.82 7.56 37.69
CA ILE A 62 15.36 6.62 36.70
C ILE A 62 16.85 6.84 36.45
N VAL A 63 17.27 8.09 36.47
CA VAL A 63 18.66 8.39 36.14
C VAL A 63 19.62 7.90 37.26
N LYS A 64 19.29 8.39 38.46
CA LYS A 64 19.87 7.94 39.70
C LYS A 64 20.22 6.46 39.67
N GLY A 65 19.25 5.64 39.24
CA GLY A 65 19.35 4.22 39.34
C GLY A 65 20.24 3.61 38.31
N ILE A 66 19.97 3.97 37.06
CA ILE A 66 20.80 3.60 35.93
C ILE A 66 22.27 4.04 36.10
N ASN A 67 22.53 5.12 36.82
CA ASN A 67 23.91 5.48 37.12
C ASN A 67 24.54 4.84 38.34
N SER A 68 23.74 4.24 39.22
CA SER A 68 24.31 3.55 40.39
C SER A 68 25.26 2.48 39.90
N ASN A 69 26.21 2.05 40.69
CA ASN A 69 26.95 0.90 40.17
C ASN A 69 26.39 -0.42 40.65
N ASN A 70 25.10 -0.64 40.39
CA ASN A 70 24.38 -1.77 40.93
C ASN A 70 23.50 -2.38 39.87
N LEU A 71 23.93 -3.50 39.33
CA LEU A 71 23.23 -4.04 38.18
C LEU A 71 21.75 -4.15 38.46
N GLU A 72 21.40 -4.50 39.70
CA GLU A 72 19.99 -4.68 40.05
C GLU A 72 19.22 -3.38 40.10
N SER A 73 19.87 -2.36 40.69
CA SER A 73 19.29 -1.05 40.78
C SER A 73 19.02 -0.53 39.36
N GLN A 74 19.98 -0.78 38.48
CA GLN A 74 19.80 -0.43 37.10
C GLN A 74 18.66 -1.17 36.44
N LEU A 75 18.59 -2.48 36.68
CA LEU A 75 17.52 -3.28 36.08
C LEU A 75 16.18 -2.69 36.50
N GLN A 76 16.11 -2.29 37.76
CA GLN A 76 14.87 -1.82 38.34
C GLN A 76 14.47 -0.49 37.67
N ALA A 77 15.42 0.44 37.62
CA ALA A 77 15.22 1.72 36.98
C ALA A 77 14.83 1.60 35.51
N THR A 78 15.49 0.70 34.77
CA THR A 78 15.16 0.49 33.35
C THR A 78 13.70 0.02 33.16
N GLN A 79 13.27 -0.83 34.08
CA GLN A 79 11.91 -1.23 34.08
C GLN A 79 11.03 -0.01 34.37
N ALA A 80 11.31 0.77 35.41
CA ALA A 80 10.63 2.04 35.57
C ALA A 80 10.60 2.83 34.23
N ALA A 81 11.77 2.94 33.57
CA ALA A 81 11.84 3.62 32.26
C ALA A 81 10.86 3.01 31.27
N ARG A 82 10.90 1.69 31.12
CA ARG A 82 9.98 1.10 30.17
C ARG A 82 8.53 1.49 30.51
N LYS A 83 8.17 1.35 31.79
CA LYS A 83 6.79 1.55 32.19
C LYS A 83 6.30 2.94 31.82
N LEU A 84 7.06 3.98 32.18
CA LEU A 84 6.83 5.38 31.76
C LEU A 84 6.53 5.42 30.28
N LEU A 85 7.43 4.84 29.50
CA LEU A 85 7.38 4.88 28.05
C LEU A 85 6.27 4.04 27.46
N SER A 86 5.49 3.40 28.30
CA SER A 86 4.50 2.44 27.81
C SER A 86 3.16 3.00 28.07
N ARG A 87 3.10 4.21 28.65
CA ARG A 87 1.85 4.85 29.04
C ARG A 87 1.15 5.45 27.82
N GLU A 88 -0.17 5.54 27.85
CA GLU A 88 -0.90 5.93 26.64
C GLU A 88 -0.89 7.42 26.39
N LYS A 89 -0.84 8.17 27.47
CA LYS A 89 -0.86 9.60 27.38
C LYS A 89 0.54 10.15 27.42
N GLN A 90 0.99 10.59 26.26
CA GLN A 90 2.26 11.30 26.06
C GLN A 90 3.40 10.80 26.95
N PRO A 91 3.97 9.67 26.54
CA PRO A 91 5.15 9.09 27.21
C PRO A 91 6.29 10.07 27.03
N PRO A 92 6.97 10.41 28.11
CA PRO A 92 8.02 11.41 28.14
C PRO A 92 9.26 11.04 27.33
N ILE A 93 9.08 10.52 26.12
CA ILE A 93 10.19 10.13 25.30
C ILE A 93 11.29 11.19 25.26
N ASP A 94 10.89 12.44 25.07
CA ASP A 94 11.87 13.48 24.85
C ASP A 94 12.81 13.72 26.00
N ASN A 95 12.25 13.78 27.19
CA ASN A 95 13.04 13.97 28.39
C ASN A 95 13.88 12.76 28.70
N ILE A 96 13.39 11.56 28.36
CA ILE A 96 14.21 10.38 28.49
C ILE A 96 15.39 10.53 27.59
N ILE A 97 15.14 10.92 26.36
CA ILE A 97 16.26 11.10 25.48
C ILE A 97 17.15 12.15 26.12
N ARG A 98 16.52 13.26 26.52
CA ARG A 98 17.25 14.44 27.01
C ARG A 98 18.10 14.13 28.22
N ALA A 99 17.65 13.16 29.01
CA ALA A 99 18.36 12.69 30.22
C ALA A 99 19.66 11.97 29.87
N GLY A 100 19.91 11.77 28.59
CA GLY A 100 21.09 11.04 28.17
C GLY A 100 21.08 9.52 28.33
N LEU A 101 19.89 8.94 28.52
CA LEU A 101 19.72 7.50 28.75
C LEU A 101 19.96 6.51 27.56
N ILE A 102 19.88 6.98 26.33
CA ILE A 102 19.83 6.01 25.25
C ILE A 102 21.07 5.14 25.23
N PRO A 103 22.26 5.75 25.37
CA PRO A 103 23.43 4.89 25.25
C PRO A 103 23.46 3.83 26.33
N LYS A 104 22.84 4.13 27.47
CA LYS A 104 22.97 3.25 28.62
C LYS A 104 22.14 2.03 28.34
N PHE A 105 20.92 2.27 27.88
CA PHE A 105 20.04 1.20 27.44
C PHE A 105 20.73 0.41 26.39
N VAL A 106 21.31 1.09 25.42
CA VAL A 106 21.98 0.38 24.34
C VAL A 106 23.00 -0.61 24.91
N SER A 107 23.79 -0.19 25.89
CA SER A 107 24.84 -1.08 26.42
C SER A 107 24.27 -2.24 27.21
N PHE A 108 23.08 -2.05 27.82
CA PHE A 108 22.38 -3.13 28.52
C PHE A 108 21.96 -4.22 27.57
N LEU A 109 21.64 -3.86 26.34
CA LEU A 109 21.34 -4.90 25.37
C LEU A 109 22.42 -5.98 25.37
N GLY A 110 23.67 -5.61 25.65
CA GLY A 110 24.79 -6.52 25.49
C GLY A 110 25.02 -7.39 26.72
N LYS A 111 24.24 -7.15 27.79
CA LYS A 111 24.43 -7.85 29.04
C LYS A 111 23.76 -9.20 29.02
N THR A 112 24.43 -10.19 28.43
CA THR A 112 23.91 -11.54 28.37
C THR A 112 23.63 -12.24 29.68
N ASP A 113 24.35 -11.92 30.75
CA ASP A 113 24.06 -12.58 32.05
C ASP A 113 22.66 -12.18 32.49
N CYS A 114 22.38 -10.88 32.33
CA CYS A 114 21.15 -10.35 32.86
C CYS A 114 20.00 -10.16 31.86
N SER A 115 19.47 -11.28 31.37
CA SER A 115 18.39 -11.25 30.37
C SER A 115 17.28 -10.21 30.71
N PRO A 116 16.76 -10.21 31.97
CA PRO A 116 15.67 -9.21 32.17
C PRO A 116 16.03 -7.77 31.74
N ILE A 117 17.28 -7.31 31.99
CA ILE A 117 17.67 -5.95 31.60
C ILE A 117 17.72 -5.80 30.10
N GLN A 118 18.24 -6.82 29.43
CA GLN A 118 18.24 -6.90 27.97
C GLN A 118 16.82 -6.60 27.52
N PHE A 119 15.84 -7.30 28.10
CA PHE A 119 14.45 -7.19 27.68
C PHE A 119 13.87 -5.80 27.97
N GLU A 120 14.05 -5.36 29.21
CA GLU A 120 13.53 -4.08 29.63
C GLU A 120 14.12 -2.95 28.77
N SER A 121 15.43 -2.96 28.57
CA SER A 121 16.05 -1.94 27.75
C SER A 121 15.60 -2.07 26.28
N ALA A 122 15.49 -3.31 25.81
CA ALA A 122 14.98 -3.55 24.47
C ALA A 122 13.64 -2.86 24.27
N TRP A 123 12.74 -3.14 25.20
CA TRP A 123 11.42 -2.62 25.15
C TRP A 123 11.52 -1.15 25.24
N ALA A 124 12.33 -0.66 26.16
CA ALA A 124 12.43 0.78 26.33
C ALA A 124 12.81 1.45 25.00
N LEU A 125 13.85 0.93 24.34
CA LEU A 125 14.28 1.56 23.12
C LEU A 125 13.22 1.35 22.08
N THR A 126 12.68 0.14 21.96
CA THR A 126 11.58 -0.09 21.05
C THR A 126 10.59 1.08 21.06
N ASN A 127 10.24 1.56 22.24
CA ASN A 127 9.18 2.54 22.34
C ASN A 127 9.67 3.90 21.97
N ILE A 128 10.88 4.27 22.38
CA ILE A 128 11.44 5.51 21.86
C ILE A 128 11.53 5.47 20.32
N ALA A 129 11.86 4.31 19.75
CA ALA A 129 12.17 4.21 18.34
C ALA A 129 10.89 4.35 17.53
N SER A 130 9.75 4.13 18.18
CA SER A 130 8.40 4.22 17.57
C SER A 130 7.82 5.66 17.40
N GLY A 131 8.47 6.66 18.02
CA GLY A 131 8.03 8.07 17.92
C GLY A 131 8.41 8.81 16.65
N THR A 132 8.71 10.10 16.74
CA THR A 132 9.09 10.88 15.58
C THR A 132 10.37 10.33 14.87
N SER A 133 10.69 10.72 13.64
CA SER A 133 11.99 10.32 13.03
C SER A 133 13.14 10.69 13.92
N GLU A 134 12.94 11.77 14.65
CA GLU A 134 14.06 12.35 15.31
C GLU A 134 14.37 11.48 16.50
N GLN A 135 13.27 11.00 17.10
CA GLN A 135 13.33 10.03 18.18
C GLN A 135 14.01 8.74 17.71
N THR A 136 13.56 8.20 16.60
CA THR A 136 14.28 7.08 15.98
C THR A 136 15.78 7.39 15.73
N LYS A 137 16.04 8.60 15.25
CA LYS A 137 17.40 8.95 14.88
C LYS A 137 18.25 8.81 16.13
N ALA A 138 17.62 9.11 17.28
CA ALA A 138 18.37 9.15 18.54
C ALA A 138 18.69 7.71 18.90
N VAL A 139 17.69 6.80 18.77
CA VAL A 139 17.97 5.39 18.97
C VAL A 139 19.09 4.90 18.06
N VAL A 140 18.99 5.15 16.76
CA VAL A 140 20.06 4.79 15.83
C VAL A 140 21.42 5.37 16.21
N ASP A 141 21.48 6.66 16.53
CA ASP A 141 22.73 7.31 16.92
C ASP A 141 23.38 6.65 18.16
N GLY A 142 22.57 6.02 19.00
CA GLY A 142 23.10 5.31 20.14
C GLY A 142 23.85 4.00 19.83
N GLY A 143 23.76 3.50 18.58
CA GLY A 143 24.36 2.23 18.22
C GLY A 143 23.44 1.01 18.41
N ALA A 144 22.14 1.24 18.54
CA ALA A 144 21.19 0.18 18.77
C ALA A 144 21.15 -0.83 17.70
N ILE A 145 21.45 -0.45 16.46
CA ILE A 145 21.21 -1.39 15.37
C ILE A 145 22.00 -2.70 15.51
N PRO A 146 23.38 -2.64 15.54
CA PRO A 146 24.03 -3.95 15.67
C PRO A 146 23.64 -4.58 16.99
N ALA A 147 23.38 -3.79 18.01
CA ALA A 147 22.96 -4.41 19.26
C ALA A 147 21.68 -5.24 19.13
N PHE A 148 20.68 -4.72 18.42
CA PHE A 148 19.46 -5.45 18.22
C PHE A 148 19.69 -6.63 17.29
N ILE A 149 20.59 -6.50 16.35
CA ILE A 149 20.76 -7.60 15.47
C ILE A 149 21.32 -8.72 16.28
N SER A 150 22.21 -8.39 17.20
CA SER A 150 22.82 -9.44 17.99
C SER A 150 21.78 -10.15 18.79
N LEU A 151 20.76 -9.43 19.22
CA LEU A 151 19.76 -10.03 20.04
C LEU A 151 18.84 -10.94 19.26
N LEU A 152 18.85 -10.87 17.94
CA LEU A 152 17.95 -11.72 17.19
C LEU A 152 18.12 -13.19 17.59
N ALA A 153 19.37 -13.59 17.81
CA ALA A 153 19.70 -14.98 18.16
C ALA A 153 19.62 -15.26 19.65
N SER A 154 19.10 -14.32 20.44
CA SER A 154 19.04 -14.60 21.86
C SER A 154 18.18 -15.82 22.05
N PRO A 155 18.55 -16.70 22.97
CA PRO A 155 17.76 -17.88 23.29
C PRO A 155 16.37 -17.61 23.88
N HIS A 156 16.04 -16.36 24.19
CA HIS A 156 14.78 -16.06 24.88
C HIS A 156 13.85 -15.51 23.89
N ALA A 157 12.76 -16.22 23.60
CA ALA A 157 12.00 -15.73 22.47
C ALA A 157 11.55 -14.29 22.72
N HIS A 158 11.24 -13.97 23.98
CA HIS A 158 10.55 -12.73 24.24
C HIS A 158 11.47 -11.59 24.02
N ILE A 159 12.76 -11.89 24.09
CA ILE A 159 13.79 -10.90 23.80
C ILE A 159 14.03 -10.69 22.32
N SER A 160 14.30 -11.73 21.55
CA SER A 160 14.48 -11.49 20.12
C SER A 160 13.22 -10.88 19.52
N GLU A 161 12.04 -11.21 20.04
CA GLU A 161 10.82 -10.61 19.53
C GLU A 161 10.95 -9.09 19.68
N GLN A 162 11.43 -8.67 20.85
CA GLN A 162 11.61 -7.26 21.10
C GLN A 162 12.61 -6.70 20.10
N ALA A 163 13.62 -7.49 19.79
CA ALA A 163 14.62 -7.03 18.87
C ALA A 163 14.01 -6.93 17.47
N VAL A 164 13.09 -7.82 17.15
CA VAL A 164 12.49 -7.81 15.82
C VAL A 164 11.66 -6.57 15.71
N TRP A 165 10.93 -6.31 16.79
CA TRP A 165 10.05 -5.19 16.86
C TRP A 165 10.82 -3.90 16.66
N ALA A 166 11.94 -3.74 17.36
CA ALA A 166 12.65 -2.50 17.26
C ALA A 166 13.23 -2.32 15.86
N LEU A 167 13.89 -3.34 15.35
CA LEU A 167 14.41 -3.22 13.99
C LEU A 167 13.28 -2.82 13.03
N GLY A 168 12.11 -3.42 13.23
CA GLY A 168 10.90 -3.04 12.54
C GLY A 168 10.67 -1.55 12.56
N ASN A 169 10.62 -0.94 13.74
CA ASN A 169 10.43 0.51 13.84
C ASN A 169 11.57 1.29 13.18
N ILE A 170 12.81 0.86 13.34
CA ILE A 170 13.89 1.62 12.75
C ILE A 170 13.75 1.50 11.24
N ALA A 171 13.55 0.32 10.70
CA ALA A 171 13.50 0.22 9.27
C ALA A 171 12.31 1.02 8.73
N GLY A 172 11.28 1.15 9.56
CA GLY A 172 10.07 1.85 9.18
C GLY A 172 10.25 3.34 9.03
N ASP A 173 11.28 3.90 9.66
CA ASP A 173 11.46 5.35 9.53
C ASP A 173 11.54 5.83 8.07
N GLY A 174 12.26 5.14 7.20
CA GLY A 174 12.32 5.53 5.82
C GLY A 174 13.51 4.88 5.12
N SER A 175 13.66 5.10 3.82
CA SER A 175 14.56 4.25 3.08
C SER A 175 15.97 4.19 3.66
N ALA A 176 16.47 5.30 4.21
CA ALA A 176 17.86 5.32 4.67
C ALA A 176 18.05 4.38 5.85
N PHE A 177 17.27 4.56 6.91
CA PHE A 177 17.43 3.65 8.03
C PHE A 177 17.26 2.20 7.61
N ARG A 178 16.19 1.94 6.84
CA ARG A 178 15.92 0.65 6.26
C ARG A 178 17.19 0.09 5.66
N ASP A 179 17.84 0.81 4.73
CA ASP A 179 19.03 0.24 4.09
C ASP A 179 20.17 0.18 5.08
N LEU A 180 20.13 0.96 6.13
CA LEU A 180 21.21 0.85 7.12
C LEU A 180 21.04 -0.43 7.97
N VAL A 181 19.81 -0.69 8.40
CA VAL A 181 19.50 -1.99 8.97
C VAL A 181 20.01 -3.09 8.04
N ILE A 182 19.70 -2.98 6.75
CA ILE A 182 20.11 -4.01 5.82
C ILE A 182 21.63 -4.18 5.80
N LYS A 183 22.38 -3.10 5.73
CA LYS A 183 23.83 -3.18 5.65
C LYS A 183 24.48 -3.88 6.89
N HIS A 184 23.84 -3.69 8.05
CA HIS A 184 24.30 -4.22 9.29
C HIS A 184 23.89 -5.66 9.31
N GLY A 185 23.38 -6.18 8.18
CA GLY A 185 23.07 -7.60 8.05
C GLY A 185 21.91 -8.15 8.87
N ALA A 186 20.89 -7.34 9.08
CA ALA A 186 19.70 -7.86 9.75
C ALA A 186 18.96 -8.97 9.00
N ILE A 187 19.00 -9.01 7.67
CA ILE A 187 18.08 -9.86 6.96
C ILE A 187 18.34 -11.36 7.21
N ASP A 188 19.60 -11.77 7.30
CA ASP A 188 19.91 -13.20 7.54
C ASP A 188 19.30 -13.79 8.79
N PRO A 189 19.61 -13.15 9.94
CA PRO A 189 19.08 -13.60 11.21
C PRO A 189 17.57 -13.51 11.25
N LEU A 190 16.96 -12.49 10.64
CA LEU A 190 15.48 -12.47 10.66
C LEU A 190 14.94 -13.76 10.02
N LEU A 191 15.45 -14.05 8.81
CA LEU A 191 14.95 -15.12 7.97
C LEU A 191 15.13 -16.44 8.69
N ALA A 192 16.27 -16.53 9.36
CA ALA A 192 16.58 -17.68 10.17
C ALA A 192 15.45 -18.03 11.19
N LEU A 193 14.82 -17.02 11.78
CA LEU A 193 13.81 -17.33 12.76
C LEU A 193 12.59 -17.92 12.08
N LEU A 194 12.52 -17.79 10.76
CA LEU A 194 11.35 -18.27 10.00
C LEU A 194 11.63 -19.56 9.26
N ALA A 195 12.80 -20.13 9.56
CA ALA A 195 13.32 -21.29 8.89
C ALA A 195 12.72 -22.56 9.54
N VAL A 196 11.39 -22.65 9.50
CA VAL A 196 10.74 -23.76 10.16
C VAL A 196 9.85 -24.57 9.27
N PRO A 197 9.85 -25.88 9.46
CA PRO A 197 9.06 -26.68 8.54
C PRO A 197 7.64 -26.16 8.44
N ASP A 198 7.03 -25.79 9.56
CA ASP A 198 5.65 -25.31 9.57
C ASP A 198 5.54 -24.07 10.38
N LEU A 199 5.01 -23.01 9.75
CA LEU A 199 4.98 -21.71 10.39
C LEU A 199 4.01 -21.69 11.55
N SER A 200 3.02 -22.60 11.54
CA SER A 200 2.07 -22.70 12.66
C SER A 200 2.73 -22.97 14.01
N THR A 201 3.86 -23.64 14.02
CA THR A 201 4.48 -23.95 15.28
C THR A 201 5.12 -22.74 15.98
N LEU A 202 5.20 -21.60 15.32
CA LEU A 202 5.74 -20.39 15.98
C LEU A 202 4.60 -19.73 16.67
N ALA A 203 4.92 -18.95 17.68
CA ALA A 203 3.88 -18.23 18.42
C ALA A 203 3.19 -17.17 17.56
N CYS A 204 1.89 -17.07 17.72
CA CYS A 204 1.09 -16.11 16.99
C CYS A 204 1.70 -14.66 16.83
N GLY A 205 1.86 -13.95 17.92
CA GLY A 205 2.40 -12.60 17.86
C GLY A 205 3.88 -12.51 17.55
N TYR A 206 4.59 -13.64 17.55
CA TYR A 206 6.00 -13.61 17.19
C TYR A 206 6.09 -13.54 15.68
N LEU A 207 5.25 -14.33 15.04
CA LEU A 207 5.23 -14.38 13.62
C LEU A 207 4.61 -13.08 13.05
N ARG A 208 3.62 -12.54 13.76
CA ARG A 208 3.08 -11.26 13.38
C ARG A 208 4.18 -10.20 13.38
N ASN A 209 5.05 -10.21 14.38
CA ASN A 209 6.11 -9.21 14.38
C ASN A 209 7.10 -9.35 13.27
N LEU A 210 7.60 -10.57 13.06
CA LEU A 210 8.51 -10.79 11.95
C LEU A 210 7.90 -10.39 10.59
N THR A 211 6.65 -10.81 10.34
CA THR A 211 5.99 -10.47 9.10
C THR A 211 5.94 -8.94 8.94
N TRP A 212 5.65 -8.27 10.04
CA TRP A 212 5.60 -6.85 9.99
C TRP A 212 6.94 -6.23 9.73
N THR A 213 7.93 -6.59 10.54
CA THR A 213 9.25 -6.06 10.32
C THR A 213 9.67 -6.30 8.88
N LEU A 214 9.46 -7.53 8.38
CA LEU A 214 9.84 -7.84 7.02
C LEU A 214 9.17 -6.87 6.07
N SER A 215 7.87 -6.67 6.26
CA SER A 215 7.24 -5.73 5.36
C SER A 215 7.91 -4.34 5.33
N ASN A 216 8.34 -3.81 6.48
CA ASN A 216 9.04 -2.54 6.50
C ASN A 216 10.36 -2.54 5.75
N LEU A 217 11.01 -3.70 5.66
CA LEU A 217 12.26 -3.82 4.93
C LEU A 217 11.98 -3.76 3.42
N CYS A 218 10.73 -3.97 3.06
CA CYS A 218 10.27 -3.83 1.68
C CYS A 218 9.67 -2.45 1.41
N ARG A 219 9.43 -1.69 2.48
CA ARG A 219 8.72 -0.42 2.38
C ARG A 219 9.62 0.76 2.01
N ASN A 220 8.97 1.76 1.41
CA ASN A 220 9.55 3.00 0.98
C ASN A 220 10.22 2.79 -0.33
N LYS A 221 10.54 3.91 -0.98
CA LYS A 221 10.62 3.97 -2.42
C LYS A 221 11.67 4.94 -2.95
N ASN A 222 12.29 5.76 -2.13
CA ASN A 222 13.28 6.58 -2.80
C ASN A 222 14.66 6.54 -2.21
N PRO A 223 15.45 5.53 -2.53
CA PRO A 223 15.25 4.48 -3.47
C PRO A 223 14.46 3.30 -2.91
N ALA A 224 14.03 2.44 -3.81
CA ALA A 224 13.46 1.19 -3.36
C ALA A 224 14.54 0.36 -2.63
N PRO A 225 14.15 -0.66 -1.86
CA PRO A 225 15.12 -1.49 -1.13
C PRO A 225 16.11 -2.13 -2.10
N PRO A 226 17.23 -2.65 -1.61
CA PRO A 226 18.16 -3.15 -2.64
C PRO A 226 17.63 -4.38 -3.32
N LEU A 227 17.81 -4.46 -4.65
CA LEU A 227 17.36 -5.61 -5.39
C LEU A 227 17.73 -6.92 -4.74
N ASP A 228 18.95 -7.06 -4.29
CA ASP A 228 19.33 -8.38 -3.83
C ASP A 228 18.79 -8.65 -2.44
N ALA A 229 18.35 -7.59 -1.76
CA ALA A 229 17.77 -7.79 -0.44
C ALA A 229 16.40 -8.24 -0.67
N VAL A 230 15.76 -7.72 -1.71
CA VAL A 230 14.44 -8.17 -2.05
C VAL A 230 14.48 -9.64 -2.47
N GLU A 231 15.42 -10.02 -3.35
CA GLU A 231 15.56 -11.38 -3.85
C GLU A 231 15.66 -12.31 -2.64
N GLN A 232 16.33 -11.84 -1.61
CA GLN A 232 16.61 -12.68 -0.48
C GLN A 232 15.36 -12.86 0.36
N ILE A 233 14.59 -11.80 0.57
CA ILE A 233 13.31 -11.86 1.30
C ILE A 233 12.19 -12.60 0.57
N LEU A 234 12.06 -12.38 -0.74
CA LEU A 234 10.89 -12.90 -1.45
C LEU A 234 10.40 -14.32 -1.05
N PRO A 235 11.26 -15.36 -1.14
CA PRO A 235 10.78 -16.71 -0.82
C PRO A 235 10.09 -16.81 0.53
N THR A 236 10.55 -16.10 1.56
CA THR A 236 9.90 -16.23 2.84
C THR A 236 8.60 -15.49 2.77
N LEU A 237 8.62 -14.31 2.19
CA LEU A 237 7.38 -13.58 1.98
C LEU A 237 6.33 -14.47 1.29
N VAL A 238 6.75 -15.22 0.27
CA VAL A 238 5.80 -16.03 -0.46
C VAL A 238 5.19 -17.05 0.50
N ARG A 239 6.03 -17.62 1.32
CA ARG A 239 5.61 -18.61 2.24
C ARG A 239 4.65 -18.06 3.27
N LEU A 240 4.89 -16.82 3.68
CA LEU A 240 3.98 -16.09 4.54
C LEU A 240 2.64 -15.71 3.87
N LEU A 241 2.70 -15.39 2.59
CA LEU A 241 1.48 -15.02 1.88
C LEU A 241 0.48 -16.16 1.93
N HIS A 242 0.95 -17.35 2.31
CA HIS A 242 0.13 -18.56 2.31
C HIS A 242 -0.29 -19.00 3.67
N HIS A 243 0.15 -18.32 4.71
CA HIS A 243 -0.20 -18.71 6.05
C HIS A 243 -1.59 -18.27 6.43
N ASN A 244 -2.19 -18.87 7.45
CA ASN A 244 -3.60 -18.61 7.67
C ASN A 244 -3.90 -17.69 8.83
N ASP A 245 -3.02 -16.78 9.14
CA ASP A 245 -3.38 -15.75 10.11
C ASP A 245 -3.76 -14.43 9.41
N PRO A 246 -4.93 -13.89 9.74
CA PRO A 246 -5.36 -12.69 9.02
C PRO A 246 -4.31 -11.60 9.09
N GLU A 247 -3.63 -11.53 10.22
CA GLU A 247 -2.65 -10.49 10.35
C GLU A 247 -1.35 -10.72 9.61
N VAL A 248 -0.87 -11.96 9.57
CA VAL A 248 0.26 -12.29 8.72
C VAL A 248 -0.14 -11.99 7.29
N LEU A 249 -1.39 -12.24 6.91
CA LEU A 249 -1.78 -12.06 5.48
C LEU A 249 -1.83 -10.58 5.07
N ALA A 250 -2.37 -9.76 5.94
CA ALA A 250 -2.42 -8.34 5.69
C ALA A 250 -1.03 -7.76 5.46
N ASP A 251 -0.11 -8.10 6.34
CA ASP A 251 1.19 -7.52 6.23
C ASP A 251 1.95 -8.10 5.09
N SER A 252 1.87 -9.42 4.89
CA SER A 252 2.41 -10.03 3.69
C SER A 252 1.92 -9.28 2.45
N CYS A 253 0.60 -9.08 2.36
CA CYS A 253 0.05 -8.28 1.27
C CYS A 253 0.64 -6.92 1.14
N TRP A 254 0.77 -6.17 2.23
CA TRP A 254 1.47 -4.89 2.14
C TRP A 254 2.88 -5.03 1.57
N ALA A 255 3.72 -5.87 2.19
CA ALA A 255 5.07 -6.15 1.70
C ALA A 255 5.08 -6.29 0.20
N ILE A 256 4.35 -7.28 -0.31
CA ILE A 256 4.16 -7.44 -1.75
C ILE A 256 3.68 -6.14 -2.43
N SER A 257 2.65 -5.49 -1.91
CA SER A 257 2.24 -4.22 -2.53
C SER A 257 3.39 -3.18 -2.63
N TYR A 258 4.22 -3.08 -1.60
CA TYR A 258 5.32 -2.15 -1.64
C TYR A 258 6.26 -2.57 -2.77
N LEU A 259 6.61 -3.86 -2.83
CA LEU A 259 7.63 -4.32 -3.78
C LEU A 259 7.16 -4.20 -5.24
N THR A 260 5.86 -4.13 -5.45
CA THR A 260 5.29 -4.04 -6.78
C THR A 260 5.02 -2.60 -7.26
N ASP A 261 5.34 -1.63 -6.39
CA ASP A 261 5.12 -0.21 -6.61
C ASP A 261 6.40 0.47 -7.17
N GLY A 262 6.76 0.12 -8.39
CA GLY A 262 8.00 0.60 -9.02
C GLY A 262 7.97 0.35 -10.51
N PRO A 263 9.15 0.17 -11.12
CA PRO A 263 9.22 -0.17 -12.55
C PRO A 263 8.99 -1.67 -12.80
N ASN A 264 8.72 -2.02 -14.06
CA ASN A 264 8.39 -3.40 -14.43
C ASN A 264 9.31 -4.48 -13.88
N GLU A 265 10.61 -4.21 -13.82
CA GLU A 265 11.60 -5.22 -13.42
C GLU A 265 11.26 -5.65 -12.01
N ARG A 266 10.83 -4.68 -11.22
CA ARG A 266 10.46 -4.95 -9.83
C ARG A 266 9.21 -5.82 -9.78
N ILE A 267 8.16 -5.32 -10.44
CA ILE A 267 6.95 -6.12 -10.62
C ILE A 267 7.32 -7.53 -11.09
N GLU A 268 8.25 -7.61 -12.03
CA GLU A 268 8.54 -8.89 -12.57
C GLU A 268 9.15 -9.85 -11.54
N MET A 269 9.90 -9.33 -10.57
CA MET A 269 10.49 -10.19 -9.55
C MET A 269 9.40 -10.93 -8.81
N VAL A 270 8.40 -10.14 -8.46
CA VAL A 270 7.24 -10.61 -7.74
C VAL A 270 6.45 -11.59 -8.62
N VAL A 271 5.97 -11.10 -9.76
CA VAL A 271 5.12 -11.90 -10.61
C VAL A 271 5.76 -13.25 -10.90
N LYS A 272 7.08 -13.25 -11.06
CA LYS A 272 7.83 -14.44 -11.39
C LYS A 272 7.81 -15.54 -10.28
N LYS A 273 7.68 -15.17 -9.00
CA LYS A 273 7.46 -16.17 -7.94
C LYS A 273 6.02 -16.77 -7.95
N GLY A 274 5.24 -16.40 -8.97
CA GLY A 274 3.84 -16.87 -9.14
C GLY A 274 2.83 -16.60 -8.02
N VAL A 275 2.97 -15.49 -7.30
CA VAL A 275 2.02 -15.13 -6.25
C VAL A 275 0.67 -14.56 -6.74
N VAL A 276 0.52 -14.43 -8.05
CA VAL A 276 -0.64 -13.72 -8.54
C VAL A 276 -1.93 -14.49 -8.25
N PRO A 277 -1.98 -15.82 -8.58
CA PRO A 277 -3.10 -16.63 -8.13
C PRO A 277 -3.40 -16.34 -6.65
N GLN A 278 -2.37 -16.35 -5.82
CA GLN A 278 -2.62 -16.28 -4.42
C GLN A 278 -3.09 -14.86 -4.01
N LEU A 279 -2.68 -13.85 -4.78
CA LEU A 279 -3.12 -12.48 -4.51
C LEU A 279 -4.57 -12.36 -4.85
N VAL A 280 -4.93 -12.93 -6.00
CA VAL A 280 -6.32 -12.92 -6.42
C VAL A 280 -7.20 -13.57 -5.35
N LYS A 281 -6.84 -14.76 -4.88
CA LYS A 281 -7.61 -15.40 -3.84
C LYS A 281 -7.82 -14.47 -2.64
N LEU A 282 -6.70 -13.95 -2.13
CA LEU A 282 -6.80 -12.99 -1.04
C LEU A 282 -7.74 -11.81 -1.40
N LEU A 283 -7.75 -11.38 -2.66
CA LEU A 283 -8.58 -10.26 -3.09
C LEU A 283 -10.07 -10.51 -2.81
N GLY A 284 -10.41 -11.78 -2.73
CA GLY A 284 -11.76 -12.17 -2.42
C GLY A 284 -11.97 -12.46 -0.97
N ALA A 285 -11.08 -12.03 -0.10
CA ALA A 285 -11.28 -12.32 1.33
C ALA A 285 -12.35 -11.45 1.99
N THR A 286 -12.84 -11.92 3.14
CA THR A 286 -13.89 -11.19 3.83
C THR A 286 -13.33 -10.06 4.70
N GLU A 287 -12.04 -10.12 5.06
CA GLU A 287 -11.42 -9.13 5.95
C GLU A 287 -10.91 -7.91 5.19
N LEU A 288 -11.49 -6.76 5.44
CA LEU A 288 -11.04 -5.54 4.75
C LEU A 288 -9.52 -5.21 4.88
N PRO A 289 -8.93 -5.39 6.09
CA PRO A 289 -7.47 -5.33 6.29
C PRO A 289 -6.69 -6.22 5.34
N ILE A 290 -7.36 -7.20 4.73
CA ILE A 290 -6.67 -8.03 3.75
C ILE A 290 -7.01 -7.61 2.35
N VAL A 291 -8.27 -7.33 2.09
CA VAL A 291 -8.64 -6.85 0.75
C VAL A 291 -7.82 -5.62 0.38
N THR A 292 -7.71 -4.65 1.28
CA THR A 292 -7.14 -3.39 0.90
C THR A 292 -5.71 -3.58 0.32
N PRO A 293 -4.79 -4.24 1.08
CA PRO A 293 -3.45 -4.33 0.52
C PRO A 293 -3.37 -5.26 -0.69
N ALA A 294 -4.18 -6.32 -0.75
CA ALA A 294 -4.20 -7.23 -1.93
C ALA A 294 -4.59 -6.52 -3.18
N LEU A 295 -5.66 -5.73 -3.06
CA LEU A 295 -6.15 -4.95 -4.17
C LEU A 295 -5.06 -3.98 -4.65
N ARG A 296 -4.35 -3.34 -3.72
CA ARG A 296 -3.25 -2.47 -4.10
C ARG A 296 -2.19 -3.27 -4.88
N ALA A 297 -1.76 -4.41 -4.36
CA ALA A 297 -0.79 -5.19 -5.11
C ALA A 297 -1.27 -5.36 -6.58
N ILE A 298 -2.48 -5.87 -6.73
CA ILE A 298 -2.97 -6.14 -8.05
C ILE A 298 -3.00 -4.87 -8.90
N GLY A 299 -3.43 -3.77 -8.31
CA GLY A 299 -3.46 -2.49 -8.97
C GLY A 299 -2.10 -2.04 -9.49
N ASN A 300 -1.07 -2.28 -8.68
CA ASN A 300 0.29 -2.04 -9.06
C ASN A 300 0.69 -2.95 -10.19
N ILE A 301 0.54 -4.23 -9.99
CA ILE A 301 0.95 -5.12 -11.05
C ILE A 301 0.41 -4.74 -12.43
N VAL A 302 -0.83 -4.25 -12.51
CA VAL A 302 -1.42 -4.01 -13.84
C VAL A 302 -1.00 -2.69 -14.46
N THR A 303 -0.10 -2.00 -13.77
CA THR A 303 0.50 -0.80 -14.30
C THR A 303 1.69 -1.18 -15.16
N GLY A 304 2.17 -2.43 -15.03
CA GLY A 304 3.35 -2.90 -15.79
C GLY A 304 3.07 -3.32 -17.23
N THR A 305 3.78 -4.34 -17.70
CA THR A 305 3.61 -4.80 -19.09
C THR A 305 2.24 -5.46 -19.25
N ASP A 306 1.81 -5.58 -20.49
CA ASP A 306 0.57 -6.26 -20.75
C ASP A 306 0.64 -7.72 -20.40
N GLU A 307 1.83 -8.31 -20.56
CA GLU A 307 2.12 -9.69 -20.19
C GLU A 307 1.82 -9.94 -18.70
N GLN A 308 2.35 -9.02 -17.86
CA GLN A 308 2.11 -8.95 -16.43
C GLN A 308 0.63 -8.76 -16.14
N THR A 309 0.01 -7.77 -16.78
CA THR A 309 -1.46 -7.62 -16.70
C THR A 309 -2.18 -8.98 -16.93
N GLN A 310 -1.83 -9.66 -18.01
CA GLN A 310 -2.51 -10.90 -18.33
C GLN A 310 -2.43 -11.95 -17.22
N LYS A 311 -1.31 -11.97 -16.48
CA LYS A 311 -1.18 -12.91 -15.35
C LYS A 311 -2.36 -12.75 -14.35
N VAL A 312 -2.66 -11.49 -14.06
CA VAL A 312 -3.78 -11.10 -13.23
C VAL A 312 -5.11 -11.56 -13.86
N ILE A 313 -5.33 -11.22 -15.12
CA ILE A 313 -6.50 -11.75 -15.77
C ILE A 313 -6.56 -13.29 -15.64
N ASP A 314 -5.52 -13.99 -16.06
CA ASP A 314 -5.53 -15.45 -16.00
C ASP A 314 -5.81 -15.96 -14.59
N ALA A 315 -5.32 -15.24 -13.61
CA ALA A 315 -5.53 -15.68 -12.26
C ALA A 315 -7.01 -15.69 -11.84
N GLY A 316 -7.85 -14.99 -12.61
CA GLY A 316 -9.31 -14.91 -12.33
C GLY A 316 -9.73 -13.59 -11.69
N ALA A 317 -8.80 -12.63 -11.73
CA ALA A 317 -9.00 -11.39 -10.98
C ALA A 317 -10.31 -10.75 -11.32
N LEU A 318 -10.68 -10.77 -12.61
CA LEU A 318 -11.79 -9.95 -13.04
C LEU A 318 -13.10 -10.34 -12.34
N ALA A 319 -13.32 -11.64 -12.14
CA ALA A 319 -14.44 -12.13 -11.34
C ALA A 319 -14.69 -11.42 -9.99
N VAL A 320 -13.68 -10.93 -9.32
CA VAL A 320 -13.96 -10.26 -8.06
C VAL A 320 -14.46 -8.81 -8.25
N PHE A 321 -14.35 -8.30 -9.45
CA PHE A 321 -14.62 -6.89 -9.61
C PHE A 321 -16.04 -6.50 -9.46
N PRO A 322 -16.99 -7.40 -9.83
CA PRO A 322 -18.37 -6.96 -9.70
C PRO A 322 -18.49 -6.48 -8.31
N SER A 323 -17.99 -7.27 -7.35
CA SER A 323 -18.20 -6.84 -5.99
C SER A 323 -17.23 -5.71 -5.55
N LEU A 324 -15.96 -5.72 -5.97
CA LEU A 324 -15.03 -4.63 -5.63
C LEU A 324 -15.53 -3.31 -6.17
N LEU A 325 -16.09 -3.29 -7.37
CA LEU A 325 -16.63 -2.04 -7.96
C LEU A 325 -17.95 -1.59 -7.36
N THR A 326 -18.54 -2.42 -6.48
CA THR A 326 -19.69 -2.00 -5.66
C THR A 326 -19.43 -1.92 -4.17
N ASN A 327 -18.24 -2.27 -3.76
CA ASN A 327 -17.87 -2.25 -2.36
C ASN A 327 -18.26 -1.01 -1.62
N PRO A 328 -18.85 -1.20 -0.46
CA PRO A 328 -19.23 -0.14 0.46
C PRO A 328 -18.06 0.71 0.89
N LYS A 329 -16.86 0.14 1.08
CA LYS A 329 -15.71 0.99 1.47
C LYS A 329 -15.24 1.78 0.28
N THR A 330 -15.51 3.07 0.36
CA THR A 330 -15.08 4.03 -0.61
C THR A 330 -13.71 3.72 -1.27
N ASN A 331 -12.63 3.62 -0.48
CA ASN A 331 -11.29 3.34 -1.01
C ASN A 331 -11.13 2.07 -1.83
N ILE A 332 -11.78 0.97 -1.44
CA ILE A 332 -11.75 -0.20 -2.28
C ILE A 332 -12.25 0.16 -3.67
N GLN A 333 -13.38 0.87 -3.75
CA GLN A 333 -13.95 1.28 -5.02
C GLN A 333 -13.03 2.13 -5.86
N LYS A 334 -12.54 3.24 -5.30
CA LYS A 334 -11.48 4.01 -5.95
C LYS A 334 -10.37 3.10 -6.52
N GLU A 335 -9.78 2.28 -5.66
CA GLU A 335 -8.68 1.41 -6.02
C GLU A 335 -9.02 0.34 -7.07
N ALA A 336 -10.19 -0.29 -6.92
CA ALA A 336 -10.70 -1.23 -7.91
C ALA A 336 -10.93 -0.54 -9.27
N THR A 337 -11.48 0.69 -9.23
CA THR A 337 -11.75 1.44 -10.46
C THR A 337 -10.49 1.82 -11.16
N TRP A 338 -9.61 2.50 -10.46
CA TRP A 338 -8.25 2.67 -10.93
C TRP A 338 -7.71 1.41 -11.56
N THR A 339 -7.70 0.31 -10.84
CA THR A 339 -7.22 -0.93 -11.44
C THR A 339 -7.87 -1.19 -12.80
N MET A 340 -9.21 -1.09 -12.86
CA MET A 340 -9.92 -1.22 -14.13
C MET A 340 -9.37 -0.32 -15.23
N SER A 341 -9.08 0.93 -14.89
CA SER A 341 -8.48 1.90 -15.83
C SER A 341 -7.20 1.40 -16.46
N ASN A 342 -6.33 0.79 -15.64
CA ASN A 342 -5.11 0.14 -16.16
C ASN A 342 -5.34 -1.14 -16.91
N ILE A 343 -6.50 -1.75 -16.78
CA ILE A 343 -6.74 -2.91 -17.63
C ILE A 343 -7.26 -2.41 -18.95
N THR A 344 -8.23 -1.49 -18.93
CA THR A 344 -8.73 -0.92 -20.18
C THR A 344 -7.70 -0.12 -20.98
N ALA A 345 -6.52 -0.02 -20.39
CA ALA A 345 -5.39 0.59 -21.04
C ALA A 345 -4.57 -0.45 -21.80
N GLY A 346 -5.00 -1.70 -21.83
CA GLY A 346 -4.23 -2.77 -22.46
C GLY A 346 -4.72 -3.12 -23.85
N ARG A 347 -4.43 -4.35 -24.29
CA ARG A 347 -4.81 -4.81 -25.64
C ARG A 347 -6.31 -5.03 -25.81
N GLN A 348 -6.75 -5.10 -27.05
CA GLN A 348 -8.17 -5.32 -27.28
C GLN A 348 -8.70 -6.64 -26.73
N ASP A 349 -7.91 -7.70 -26.77
CA ASP A 349 -8.33 -8.98 -26.16
C ASP A 349 -8.39 -8.90 -24.64
N GLN A 350 -7.58 -8.02 -24.05
CA GLN A 350 -7.74 -7.71 -22.65
C GLN A 350 -9.00 -6.88 -22.44
N ILE A 351 -9.21 -5.84 -23.24
CA ILE A 351 -10.48 -5.12 -23.21
C ILE A 351 -11.68 -6.06 -23.34
N GLN A 352 -11.52 -7.05 -24.25
CA GLN A 352 -12.53 -8.05 -24.45
C GLN A 352 -12.88 -8.85 -23.20
N GLN A 353 -11.87 -9.16 -22.38
CA GLN A 353 -12.08 -9.98 -21.19
C GLN A 353 -12.83 -9.17 -20.14
N VAL A 354 -12.52 -7.88 -20.10
CA VAL A 354 -13.25 -6.96 -19.28
C VAL A 354 -14.69 -7.05 -19.77
N VAL A 355 -14.95 -6.85 -21.06
CA VAL A 355 -16.30 -7.02 -21.62
C VAL A 355 -17.00 -8.33 -21.22
N ASN A 356 -16.34 -9.49 -21.35
CA ASN A 356 -17.06 -10.76 -21.10
C ASN A 356 -17.25 -11.05 -19.67
N HIS A 357 -16.52 -10.39 -18.79
CA HIS A 357 -16.91 -10.44 -17.39
C HIS A 357 -18.05 -9.49 -17.04
N GLY A 358 -18.64 -8.82 -18.01
CA GLY A 358 -19.72 -7.84 -17.80
C GLY A 358 -19.36 -6.73 -16.83
N LEU A 359 -18.16 -6.18 -16.99
CA LEU A 359 -17.68 -5.13 -16.11
C LEU A 359 -18.02 -3.76 -16.65
N VAL A 360 -18.48 -3.72 -17.89
CA VAL A 360 -18.81 -2.42 -18.44
C VAL A 360 -20.00 -1.84 -17.64
N PRO A 361 -21.05 -2.68 -17.35
CA PRO A 361 -22.15 -2.12 -16.57
C PRO A 361 -21.64 -1.58 -15.25
N PHE A 362 -20.72 -2.33 -14.64
CA PHE A 362 -20.13 -1.88 -13.41
C PHE A 362 -19.38 -0.56 -13.53
N LEU A 363 -18.63 -0.38 -14.61
CA LEU A 363 -18.08 0.96 -14.93
C LEU A 363 -19.18 2.02 -15.10
N VAL A 364 -20.18 1.69 -15.91
CA VAL A 364 -21.29 2.61 -16.11
C VAL A 364 -21.85 2.97 -14.72
N GLY A 365 -22.16 1.96 -13.92
CA GLY A 365 -22.63 2.18 -12.55
C GLY A 365 -21.76 3.14 -11.74
N VAL A 366 -20.45 2.85 -11.73
CA VAL A 366 -19.47 3.69 -11.05
C VAL A 366 -19.41 5.12 -11.61
N LEU A 367 -19.51 5.25 -12.93
CA LEU A 367 -19.62 6.57 -13.55
C LEU A 367 -20.88 7.29 -13.10
N SER A 368 -21.94 6.54 -12.84
CA SER A 368 -23.22 7.16 -12.56
C SER A 368 -23.37 7.67 -11.15
N LYS A 369 -22.69 7.03 -10.19
CA LYS A 369 -22.81 7.39 -8.80
C LYS A 369 -21.73 6.72 -7.97
N ALA A 370 -20.76 7.50 -7.53
CA ALA A 370 -19.75 7.05 -6.60
C ALA A 370 -19.22 8.35 -6.03
N ASP A 371 -18.34 8.31 -5.03
CA ASP A 371 -17.80 9.59 -4.61
C ASP A 371 -16.86 10.10 -5.74
N PHE A 372 -16.66 11.42 -5.82
CA PHE A 372 -16.06 12.02 -7.00
C PHE A 372 -14.76 11.38 -7.39
N LYS A 373 -13.92 11.11 -6.39
CA LYS A 373 -12.60 10.56 -6.64
C LYS A 373 -12.64 9.22 -7.40
N THR A 374 -13.65 8.37 -7.15
CA THR A 374 -13.85 7.14 -7.95
C THR A 374 -14.34 7.45 -9.35
N GLN A 375 -15.26 8.40 -9.44
CA GLN A 375 -15.86 8.70 -10.71
C GLN A 375 -14.73 9.16 -11.60
N LYS A 376 -13.78 9.90 -11.03
CA LYS A 376 -12.61 10.37 -11.78
C LYS A 376 -11.87 9.22 -12.44
N GLU A 377 -11.58 8.14 -11.68
CA GLU A 377 -10.96 6.92 -12.21
C GLU A 377 -11.84 6.28 -13.27
N ALA A 378 -13.16 6.21 -13.04
CA ALA A 378 -14.05 5.64 -14.06
C ALA A 378 -13.85 6.41 -15.34
N ALA A 379 -13.96 7.74 -15.27
CA ALA A 379 -13.70 8.61 -16.40
C ALA A 379 -12.51 8.08 -17.21
N TRP A 380 -11.36 7.91 -16.53
CA TRP A 380 -10.11 7.42 -17.15
C TRP A 380 -10.28 6.06 -17.73
N ALA A 381 -10.82 5.14 -16.94
CA ALA A 381 -11.02 3.77 -17.40
C ALA A 381 -11.75 3.73 -18.74
N ILE A 382 -12.68 4.67 -18.88
CA ILE A 382 -13.50 4.73 -20.10
C ILE A 382 -12.68 5.24 -21.28
N THR A 383 -12.06 6.41 -21.08
CA THR A 383 -11.14 6.95 -22.05
C THR A 383 -10.14 5.89 -22.48
N ASN A 384 -9.52 5.21 -21.53
CA ASN A 384 -8.57 4.18 -21.88
C ASN A 384 -9.25 3.16 -22.76
N TYR A 385 -10.41 2.67 -22.31
CA TYR A 385 -11.23 1.75 -23.10
C TYR A 385 -11.42 2.26 -24.54
N THR A 386 -11.91 3.48 -24.65
CA THR A 386 -12.28 4.04 -25.94
C THR A 386 -11.04 4.30 -26.78
N SER A 387 -9.86 4.26 -26.18
CA SER A 387 -8.63 4.38 -26.95
C SER A 387 -8.15 3.13 -27.65
N GLY A 388 -8.08 2.01 -26.93
CA GLY A 388 -7.57 0.76 -27.48
C GLY A 388 -8.63 -0.09 -28.14
N GLY A 389 -9.89 0.20 -27.79
CA GLY A 389 -11.04 -0.63 -28.15
C GLY A 389 -11.32 -0.72 -29.62
N THR A 390 -11.85 -1.86 -30.03
CA THR A 390 -12.35 -2.05 -31.39
C THR A 390 -13.62 -1.29 -31.57
N VAL A 391 -14.00 -1.10 -32.81
CA VAL A 391 -15.29 -0.49 -33.11
C VAL A 391 -16.46 -1.14 -32.32
N GLU A 392 -16.65 -2.47 -32.47
CA GLU A 392 -17.65 -3.23 -31.72
C GLU A 392 -17.69 -2.88 -30.23
N GLN A 393 -16.50 -2.82 -29.66
CA GLN A 393 -16.30 -2.66 -28.24
C GLN A 393 -16.74 -1.28 -27.83
N ILE A 394 -16.36 -0.27 -28.59
CA ILE A 394 -16.85 1.09 -28.34
C ILE A 394 -18.38 1.22 -28.48
N VAL A 395 -18.94 0.69 -29.56
CA VAL A 395 -20.38 0.54 -29.72
C VAL A 395 -21.01 -0.03 -28.43
N TYR A 396 -20.51 -1.22 -28.03
CA TYR A 396 -20.99 -1.95 -26.87
C TYR A 396 -21.12 -1.08 -25.63
N LEU A 397 -20.06 -0.34 -25.37
CA LEU A 397 -20.02 0.63 -24.30
C LEU A 397 -21.23 1.58 -24.34
N VAL A 398 -21.53 2.11 -25.53
CA VAL A 398 -22.65 3.03 -25.63
C VAL A 398 -23.95 2.33 -25.34
N HIS A 399 -24.13 1.10 -25.86
CA HIS A 399 -25.32 0.28 -25.59
C HIS A 399 -25.45 -0.03 -24.15
N CYS A 400 -24.36 0.02 -23.39
CA CYS A 400 -24.48 -0.15 -21.94
C CYS A 400 -24.94 1.11 -21.21
N GLY A 401 -25.02 2.21 -21.94
CA GLY A 401 -25.53 3.48 -21.46
C GLY A 401 -24.44 4.34 -20.86
N ILE A 402 -23.32 4.43 -21.56
CA ILE A 402 -22.18 5.19 -21.06
C ILE A 402 -22.33 6.68 -21.28
N ILE A 403 -23.17 7.07 -22.26
CA ILE A 403 -23.26 8.47 -22.67
C ILE A 403 -23.91 9.36 -21.64
N GLU A 404 -25.09 9.02 -21.15
CA GLU A 404 -25.67 9.88 -20.12
C GLU A 404 -24.76 10.17 -18.92
N PRO A 405 -24.35 9.14 -18.16
CA PRO A 405 -23.55 9.43 -16.95
C PRO A 405 -22.22 10.11 -17.24
N LEU A 406 -21.65 9.90 -18.42
CA LEU A 406 -20.43 10.60 -18.85
C LEU A 406 -20.70 12.09 -18.97
N MET A 407 -21.76 12.44 -19.70
CA MET A 407 -22.19 13.80 -19.87
C MET A 407 -22.41 14.55 -18.58
N ASN A 408 -22.98 13.90 -17.57
CA ASN A 408 -23.30 14.61 -16.33
C ASN A 408 -22.08 15.11 -15.65
N LEU A 409 -20.95 14.51 -16.01
CA LEU A 409 -19.72 14.84 -15.34
C LEU A 409 -19.09 16.08 -15.94
N LEU A 410 -19.50 16.44 -17.14
CA LEU A 410 -18.99 17.65 -17.74
C LEU A 410 -19.24 18.91 -16.92
N SER A 411 -20.19 18.87 -16.00
CA SER A 411 -20.42 20.02 -15.10
C SER A 411 -19.72 19.92 -13.76
N ALA A 412 -18.79 18.97 -13.62
CA ALA A 412 -17.90 18.99 -12.47
C ALA A 412 -16.83 20.07 -12.65
N LYS A 413 -16.51 20.77 -11.55
CA LYS A 413 -15.52 21.86 -11.55
C LYS A 413 -14.16 21.30 -11.19
N ASP A 414 -13.71 20.34 -11.97
CA ASP A 414 -12.37 19.80 -11.85
C ASP A 414 -11.90 19.83 -13.29
N THR A 415 -10.86 20.61 -13.57
CA THR A 415 -10.48 20.85 -14.95
C THR A 415 -10.02 19.57 -15.68
N LYS A 416 -9.19 18.78 -15.01
CA LYS A 416 -8.61 17.53 -15.55
C LYS A 416 -9.65 16.53 -16.13
N ILE A 417 -10.61 16.12 -15.30
CA ILE A 417 -11.58 15.12 -15.69
C ILE A 417 -12.34 15.47 -16.99
N ILE A 418 -12.64 16.76 -17.20
CA ILE A 418 -13.37 17.23 -18.37
C ILE A 418 -12.61 16.89 -19.66
N GLN A 419 -11.32 17.22 -19.69
CA GLN A 419 -10.46 16.85 -20.83
C GLN A 419 -10.62 15.37 -21.08
N VAL A 420 -10.39 14.59 -20.01
CA VAL A 420 -10.49 13.11 -19.97
C VAL A 420 -11.79 12.58 -20.62
N ILE A 421 -12.93 13.15 -20.20
CA ILE A 421 -14.26 12.84 -20.77
C ILE A 421 -14.41 13.21 -22.26
N LEU A 422 -13.93 14.41 -22.61
CA LEU A 422 -14.01 14.91 -23.97
C LEU A 422 -13.17 14.13 -24.96
N ASP A 423 -12.00 13.65 -24.51
CA ASP A 423 -11.13 12.80 -25.30
C ASP A 423 -11.94 11.60 -25.63
N ALA A 424 -12.70 11.21 -24.61
CA ALA A 424 -13.47 10.02 -24.68
C ALA A 424 -14.65 10.22 -25.67
N ILE A 425 -15.37 11.33 -25.57
CA ILE A 425 -16.45 11.60 -26.54
C ILE A 425 -15.89 11.61 -27.95
N SER A 426 -14.82 12.39 -28.10
CA SER A 426 -14.02 12.43 -29.31
C SER A 426 -13.86 11.03 -29.86
N ASN A 427 -13.15 10.22 -29.07
CA ASN A 427 -12.93 8.82 -29.35
C ASN A 427 -14.15 8.07 -29.80
N ILE A 428 -15.26 8.31 -29.11
CA ILE A 428 -16.50 7.56 -29.41
C ILE A 428 -17.07 7.96 -30.77
N PHE A 429 -17.08 9.26 -31.07
CA PHE A 429 -17.56 9.70 -32.36
C PHE A 429 -16.74 9.05 -33.44
N GLN A 430 -15.43 8.98 -33.20
CA GLN A 430 -14.52 8.33 -34.13
C GLN A 430 -14.97 6.92 -34.59
N ALA A 431 -15.31 6.03 -33.63
CA ALA A 431 -15.88 4.74 -34.01
C ALA A 431 -17.24 4.92 -34.70
N ALA A 432 -17.98 5.98 -34.37
CA ALA A 432 -19.28 6.20 -35.00
C ALA A 432 -19.15 6.76 -36.42
N GLU A 433 -18.03 7.42 -36.70
CA GLU A 433 -17.70 7.83 -38.07
C GLU A 433 -17.46 6.59 -38.95
N LYS A 434 -16.52 5.74 -38.52
CA LYS A 434 -16.25 4.43 -39.12
C LYS A 434 -17.51 3.57 -39.34
N LEU A 435 -18.65 4.00 -38.81
CA LEU A 435 -19.91 3.27 -39.01
C LEU A 435 -20.96 4.13 -39.68
N GLY A 436 -20.65 5.43 -39.84
CA GLY A 436 -21.57 6.44 -40.40
C GLY A 436 -22.74 6.77 -39.48
N GLU A 437 -22.45 6.99 -38.21
CA GLU A 437 -23.51 7.07 -37.22
C GLU A 437 -23.36 8.28 -36.32
N THR A 438 -22.39 9.12 -36.67
CA THR A 438 -22.15 10.35 -35.93
C THR A 438 -23.47 11.09 -35.70
N GLU A 439 -24.44 10.90 -36.59
CA GLU A 439 -25.78 11.46 -36.36
C GLU A 439 -26.47 10.86 -35.16
N LYS A 440 -26.86 9.60 -35.26
CA LYS A 440 -27.62 8.99 -34.17
C LYS A 440 -26.98 9.22 -32.79
N LEU A 441 -25.64 9.30 -32.76
CA LEU A 441 -24.91 9.63 -31.54
C LEU A 441 -25.07 11.08 -31.13
N SER A 442 -24.92 12.03 -32.05
CA SER A 442 -25.16 13.45 -31.73
C SER A 442 -26.51 13.58 -31.05
N ILE A 443 -27.52 13.00 -31.70
CA ILE A 443 -28.90 13.11 -31.25
C ILE A 443 -28.96 12.67 -29.81
N MET A 444 -28.41 11.48 -29.55
CA MET A 444 -28.26 10.97 -28.21
C MET A 444 -27.79 12.07 -27.26
N ILE A 445 -26.59 12.59 -27.52
CA ILE A 445 -25.94 13.53 -26.60
C ILE A 445 -26.77 14.78 -26.36
N GLU A 446 -27.59 15.15 -27.36
CA GLU A 446 -28.56 16.25 -27.22
C GLU A 446 -29.59 15.93 -26.15
N GLU A 447 -30.27 14.79 -26.34
CA GLU A 447 -31.47 14.39 -25.59
C GLU A 447 -31.26 14.20 -24.11
N CYS A 448 -30.02 14.14 -23.68
CA CYS A 448 -29.71 13.98 -22.27
C CYS A 448 -28.97 15.21 -21.77
N GLY A 449 -29.08 16.31 -22.54
CA GLY A 449 -28.51 17.61 -22.17
C GLY A 449 -26.99 17.75 -22.24
N GLY A 450 -26.35 16.82 -22.95
CA GLY A 450 -24.91 16.86 -23.15
C GLY A 450 -24.53 18.01 -24.05
N LEU A 451 -25.39 18.30 -25.03
CA LEU A 451 -25.08 19.31 -26.00
C LEU A 451 -24.88 20.68 -25.36
N ASP A 452 -25.79 21.08 -24.48
CA ASP A 452 -25.65 22.31 -23.72
C ASP A 452 -24.34 22.32 -22.98
N LYS A 453 -24.05 21.21 -22.31
CA LYS A 453 -22.88 21.15 -21.47
C LYS A 453 -21.55 21.37 -22.22
N ILE A 454 -21.45 20.83 -23.44
CA ILE A 454 -20.25 21.00 -24.25
C ILE A 454 -20.19 22.38 -24.91
N GLU A 455 -21.34 22.80 -25.42
CA GLU A 455 -21.57 24.08 -26.11
C GLU A 455 -21.43 25.28 -25.19
N ALA A 456 -21.64 25.05 -23.91
CA ALA A 456 -21.31 26.06 -22.92
C ALA A 456 -19.82 25.95 -22.53
N LEU A 457 -19.15 24.87 -22.94
CA LEU A 457 -17.75 24.63 -22.54
C LEU A 457 -16.67 25.27 -23.40
N GLN A 458 -17.05 25.96 -24.48
CA GLN A 458 -16.08 26.74 -25.26
C GLN A 458 -15.66 28.00 -24.50
N ARG A 459 -16.55 28.44 -23.60
CA ARG A 459 -16.30 29.56 -22.70
C ARG A 459 -15.73 29.15 -21.32
N HIS A 460 -15.34 27.89 -21.18
CA HIS A 460 -14.57 27.46 -20.01
C HIS A 460 -13.20 28.00 -20.28
N GLU A 461 -12.52 28.47 -19.22
CA GLU A 461 -11.18 29.09 -19.33
C GLU A 461 -10.12 28.25 -20.10
N ASN A 462 -9.73 27.12 -19.51
CA ASN A 462 -8.63 26.27 -20.01
C ASN A 462 -8.58 26.10 -21.51
N GLU A 463 -7.36 26.11 -22.03
CA GLU A 463 -7.09 26.17 -23.46
C GLU A 463 -7.48 24.90 -24.25
N SER A 464 -6.88 23.75 -23.90
CA SER A 464 -7.18 22.49 -24.57
C SER A 464 -8.65 22.12 -24.42
N VAL A 465 -9.23 22.55 -23.29
CA VAL A 465 -10.67 22.42 -23.01
C VAL A 465 -11.52 23.03 -24.12
N TYR A 466 -11.46 24.36 -24.28
CA TYR A 466 -12.37 25.07 -25.20
C TYR A 466 -12.15 24.70 -26.66
N LYS A 467 -10.94 24.20 -26.94
CA LYS A 467 -10.57 23.71 -28.27
C LYS A 467 -11.20 22.34 -28.61
N ALA A 468 -11.20 21.44 -27.62
CA ALA A 468 -11.84 20.14 -27.76
C ALA A 468 -13.34 20.30 -28.04
N SER A 469 -14.02 21.02 -27.13
CA SER A 469 -15.44 21.37 -27.30
C SER A 469 -15.69 22.05 -28.64
N LEU A 470 -14.95 23.12 -28.91
CA LEU A 470 -14.93 23.81 -30.21
C LEU A 470 -14.91 22.79 -31.33
N ASN A 471 -13.82 22.02 -31.38
CA ASN A 471 -13.68 20.96 -32.36
C ASN A 471 -14.96 20.14 -32.46
N LEU A 472 -15.35 19.50 -31.34
CA LEU A 472 -16.53 18.62 -31.26
C LEU A 472 -17.79 19.26 -31.80
N ILE A 473 -18.05 20.50 -31.37
CA ILE A 473 -19.20 21.29 -31.84
C ILE A 473 -19.15 21.42 -33.36
N GLU A 474 -18.15 22.15 -33.87
CA GLU A 474 -17.90 22.32 -35.30
C GLU A 474 -18.11 20.99 -36.04
N LYS A 475 -17.29 20.01 -35.66
CA LYS A 475 -17.15 18.73 -36.38
C LYS A 475 -18.42 17.84 -36.43
N TYR A 476 -19.27 17.85 -35.39
CA TYR A 476 -20.39 16.87 -35.31
C TYR A 476 -21.75 17.51 -35.18
N PHE A 477 -21.77 18.81 -34.94
CA PHE A 477 -23.02 19.48 -34.58
C PHE A 477 -23.53 20.57 -35.54
N SER A 478 -23.03 20.61 -36.79
CA SER A 478 -23.61 21.46 -37.86
C SER A 478 -23.32 20.93 -39.27
N TYR B 18 0.76 2.32 10.40
CA TYR B 18 1.45 0.97 10.44
C TYR B 18 2.94 1.16 10.23
N ARG B 19 3.36 2.39 9.89
CA ARG B 19 4.80 2.80 9.81
C ARG B 19 5.61 2.23 10.97
N ARG B 20 5.10 2.46 12.20
CA ARG B 20 5.79 2.19 13.47
C ARG B 20 4.82 1.86 14.60
N ARG B 21 5.27 1.07 15.56
CA ARG B 21 4.40 0.52 16.59
C ARG B 21 5.04 0.73 17.95
N ARG B 22 4.23 1.15 18.92
CA ARG B 22 4.65 1.34 20.32
C ARG B 22 4.20 0.09 21.06
N ARG B 23 4.83 -0.26 22.18
CA ARG B 23 4.40 -1.47 22.90
C ARG B 23 3.55 -1.22 24.16
N TYR B 24 2.37 -1.86 24.17
CA TYR B 24 1.28 -1.75 25.17
C TYR B 24 0.83 -0.33 25.32
#